data_5QIA
#
_entry.id   5QIA
#
_cell.length_a   34.347
_cell.length_b   41.799
_cell.length_c   110.494
_cell.angle_alpha   90.000
_cell.angle_beta   90.000
_cell.angle_gamma   90.000
#
_symmetry.space_group_name_H-M   'P 21 21 21'
#
loop_
_entity.id
_entity.type
_entity.pdbx_description
1 polymer 'Poly [ADP-ribose] polymerase 14'
2 non-polymer 'CHLORIDE ION'
3 non-polymer 'DIMETHYL SULFOXIDE'
4 non-polymer ~{N}-(3-acetamidophenyl)-2-methoxy-ethanamide
5 water water
#
_entity_poly.entity_id   1
_entity_poly.type   'polypeptide(L)'
_entity_poly.pdbx_seq_one_letter_code
;SMFYGTVSSPDSGVYEMKIGSIIFQVASGDITKEEADVIVNSTSNSFNLKAGVSKAILECAGQNVERECSQQAQQRKNDY
IITGGGFLRCKNIIHVIGGNDVKSSVSSVLQECEKKNYSSICLPAIGTGNAKQHPDKVAEAIIDAIEDFVQKGSAQSVKK
VKVVIFLPQVLDVFYANMKKREG
;
_entity_poly.pdbx_strand_id   A
#
# COMPACT_ATOMS: atom_id res chain seq x y z
N MET A 2 16.67 0.86 -16.73
CA MET A 2 15.86 -0.32 -17.17
C MET A 2 14.36 -0.02 -17.20
N PHE A 3 13.84 0.51 -16.09
CA PHE A 3 12.42 0.93 -15.98
C PHE A 3 12.16 2.33 -15.39
N TYR A 4 13.13 2.88 -14.64
CA TYR A 4 12.87 4.09 -13.83
C TYR A 4 12.94 5.39 -14.62
N GLY A 5 11.94 6.23 -14.44
CA GLY A 5 11.92 7.60 -14.91
C GLY A 5 12.57 8.57 -13.91
N THR A 6 12.26 9.85 -14.07
CA THR A 6 12.81 10.96 -13.28
C THR A 6 11.85 11.29 -12.11
N VAL A 7 12.44 11.64 -10.96
CA VAL A 7 11.67 12.06 -9.78
C VAL A 7 11.29 13.56 -9.91
N SER A 8 10.02 13.89 -9.79
CA SER A 8 9.55 15.27 -9.78
C SER A 8 8.41 15.45 -8.78
N SER A 9 7.96 16.70 -8.61
CA SER A 9 6.87 17.02 -7.70
C SER A 9 5.67 17.67 -8.42
N PRO A 10 4.56 16.93 -8.62
CA PRO A 10 3.42 17.51 -9.35
C PRO A 10 2.56 18.45 -8.48
N ASP A 11 2.71 18.33 -7.16
CA ASP A 11 1.96 19.13 -6.16
C ASP A 11 2.79 19.29 -4.89
N SER A 12 2.49 20.30 -4.06
CA SER A 12 3.34 20.54 -2.89
C SER A 12 3.29 19.32 -1.97
N GLY A 13 4.46 18.83 -1.56
CA GLY A 13 4.54 17.65 -0.72
C GLY A 13 4.30 16.29 -1.37
N VAL A 14 4.09 16.26 -2.69
CA VAL A 14 3.89 14.99 -3.42
C VAL A 14 5.04 14.79 -4.41
N TYR A 15 5.58 13.57 -4.44
CA TYR A 15 6.75 13.23 -5.29
C TYR A 15 6.41 11.97 -6.09
N GLU A 16 6.85 11.95 -7.37
CA GLU A 16 6.48 10.85 -8.25
C GLU A 16 7.59 10.46 -9.18
N MET A 17 7.53 9.21 -9.66
CA MET A 17 8.37 8.76 -10.76
C MET A 17 7.69 7.60 -11.46
N LYS A 18 7.96 7.47 -12.77
CA LYS A 18 7.51 6.27 -13.49
C LYS A 18 8.39 5.06 -13.13
N ILE A 19 7.72 3.91 -13.01
CA ILE A 19 8.37 2.58 -12.96
C ILE A 19 7.68 1.77 -14.08
N GLY A 20 8.32 1.71 -15.25
CA GLY A 20 7.64 1.19 -16.44
C GLY A 20 6.35 1.97 -16.71
N SER A 21 5.23 1.24 -16.90
CA SER A 21 3.95 1.87 -17.15
C SER A 21 3.18 2.40 -15.89
N ILE A 22 3.76 2.22 -14.71
CA ILE A 22 3.11 2.62 -13.46
C ILE A 22 3.66 3.97 -12.99
N ILE A 23 2.77 4.87 -12.60
CA ILE A 23 3.18 6.10 -11.88
C ILE A 23 3.23 5.76 -10.37
N PHE A 24 4.41 5.89 -9.76
CA PHE A 24 4.63 5.68 -8.33
C PHE A 24 4.73 7.03 -7.62
N GLN A 25 3.87 7.23 -6.61
CA GLN A 25 3.78 8.50 -5.90
C GLN A 25 3.91 8.28 -4.39
N VAL A 26 4.47 9.28 -3.69
CA VAL A 26 4.48 9.32 -2.22
C VAL A 26 4.05 10.71 -1.74
N ALA A 27 3.40 10.73 -0.56
CA ALA A 27 2.96 11.99 0.09
C ALA A 27 2.73 11.65 1.59
N SER A 28 2.73 12.66 2.45
N SER A 28 2.72 12.68 2.45
CA SER A 28 2.33 12.47 3.86
CA SER A 28 2.34 12.49 3.87
C SER A 28 0.88 12.92 4.03
C SER A 28 0.88 12.93 4.06
N GLY A 29 0.16 12.27 4.96
CA GLY A 29 -1.25 12.65 5.26
C GLY A 29 -2.04 11.49 5.86
N ASP A 30 -3.35 11.68 5.87
CA ASP A 30 -4.33 10.73 6.38
C ASP A 30 -4.91 9.85 5.25
N ILE A 31 -4.47 8.61 5.21
CA ILE A 31 -4.90 7.66 4.16
C ILE A 31 -6.42 7.43 4.08
N THR A 32 -7.14 7.61 5.19
CA THR A 32 -8.59 7.39 5.21
C THR A 32 -9.38 8.42 4.40
N LYS A 33 -8.74 9.51 3.98
CA LYS A 33 -9.34 10.53 3.12
C LYS A 33 -9.09 10.30 1.62
N GLU A 34 -8.30 9.28 1.30
CA GLU A 34 -7.93 8.99 -0.10
C GLU A 34 -9.05 8.23 -0.84
N GLU A 35 -9.07 8.43 -2.18
CA GLU A 35 -9.90 7.64 -3.10
C GLU A 35 -8.99 6.79 -4.01
N ALA A 36 -9.25 5.49 -4.12
CA ALA A 36 -8.49 4.56 -4.99
C ALA A 36 -9.32 3.32 -5.17
N ASP A 37 -9.05 2.53 -6.22
CA ASP A 37 -9.77 1.24 -6.35
C ASP A 37 -9.54 0.36 -5.11
N VAL A 38 -8.27 0.27 -4.67
CA VAL A 38 -7.92 -0.47 -3.44
C VAL A 38 -7.16 0.44 -2.47
N ILE A 39 -7.56 0.37 -1.19
CA ILE A 39 -6.78 0.90 -0.06
C ILE A 39 -6.25 -0.28 0.73
N VAL A 40 -4.97 -0.25 1.08
CA VAL A 40 -4.32 -1.31 1.87
C VAL A 40 -4.31 -0.93 3.38
N ASN A 41 -4.63 -1.91 4.24
CA ASN A 41 -4.53 -1.79 5.71
C ASN A 41 -3.41 -2.67 6.20
N SER A 42 -2.50 -2.10 7.03
CA SER A 42 -1.40 -2.85 7.69
C SER A 42 -1.84 -3.26 9.09
N THR A 43 -2.25 -4.53 9.26
CA THR A 43 -2.93 -5.02 10.46
C THR A 43 -2.13 -6.17 11.11
N SER A 44 -2.76 -6.90 12.01
CA SER A 44 -2.18 -8.06 12.68
C SER A 44 -2.58 -9.36 12.01
N ASN A 45 -2.03 -10.48 12.49
CA ASN A 45 -2.37 -11.81 11.94
C ASN A 45 -3.82 -12.26 12.26
N SER A 46 -4.51 -11.54 13.14
CA SER A 46 -5.93 -11.76 13.43
C SER A 46 -6.88 -10.76 12.76
N PHE A 47 -6.30 -9.83 11.98
CA PHE A 47 -7.09 -8.92 11.16
C PHE A 47 -8.03 -8.04 11.96
N ASN A 48 -7.56 -7.63 13.16
CA ASN A 48 -8.40 -6.87 14.14
C ASN A 48 -7.57 -5.86 14.98
N LEU A 49 -6.43 -5.45 14.44
CA LEU A 49 -5.60 -4.43 15.08
C LEU A 49 -6.37 -3.11 15.00
N LYS A 50 -6.36 -2.35 16.11
CA LYS A 50 -6.86 -1.00 16.12
C LYS A 50 -5.81 -0.12 16.82
N ALA A 51 -4.64 -0.03 16.17
CA ALA A 51 -3.50 0.75 16.68
C ALA A 51 -2.72 1.25 15.47
N GLY A 52 -2.25 2.49 15.55
CA GLY A 52 -1.66 3.16 14.40
C GLY A 52 -2.71 3.40 13.32
N VAL A 53 -2.31 3.36 12.05
CA VAL A 53 -3.19 3.68 10.94
C VAL A 53 -4.39 2.69 10.87
N SER A 54 -4.19 1.44 11.32
CA SER A 54 -5.31 0.44 11.34
C SER A 54 -6.49 0.91 12.17
N LYS A 55 -6.24 1.64 13.27
CA LYS A 55 -7.35 2.18 14.07
C LYS A 55 -8.25 3.08 13.20
N ALA A 56 -7.64 4.04 12.49
CA ALA A 56 -8.35 4.97 11.63
C ALA A 56 -9.06 4.25 10.47
N ILE A 57 -8.39 3.29 9.84
CA ILE A 57 -9.01 2.54 8.73
C ILE A 57 -10.24 1.72 9.21
N LEU A 58 -10.11 0.96 10.30
CA LEU A 58 -11.28 0.18 10.76
C LEU A 58 -12.44 1.07 11.27
N GLU A 59 -12.12 2.16 11.96
CA GLU A 59 -13.19 3.07 12.43
C GLU A 59 -13.96 3.72 11.25
N CYS A 60 -13.21 4.18 10.25
N CYS A 60 -13.22 4.19 10.25
CA CYS A 60 -13.81 4.86 9.10
CA CYS A 60 -13.85 4.84 9.11
C CYS A 60 -14.56 3.87 8.19
C CYS A 60 -14.60 3.84 8.23
N ALA A 61 -14.00 2.65 8.01
CA ALA A 61 -14.63 1.57 7.20
C ALA A 61 -15.98 1.09 7.76
N GLY A 62 -16.03 0.89 9.10
CA GLY A 62 -17.26 0.53 9.83
C GLY A 62 -17.38 -0.94 10.26
N GLN A 63 -18.46 -1.23 11.03
CA GLN A 63 -18.61 -2.54 11.66
C GLN A 63 -18.86 -3.69 10.70
N ASN A 64 -19.56 -3.46 9.58
CA ASN A 64 -19.73 -4.51 8.56
C ASN A 64 -18.35 -5.03 8.06
N VAL A 65 -17.40 -4.12 7.82
CA VAL A 65 -16.00 -4.53 7.50
C VAL A 65 -15.26 -5.29 8.62
N GLU A 66 -15.42 -4.87 9.88
CA GLU A 66 -14.86 -5.64 11.03
C GLU A 66 -15.36 -7.05 11.10
N ARG A 67 -16.67 -7.25 10.86
CA ARG A 67 -17.24 -8.62 10.84
C ARG A 67 -16.80 -9.47 9.64
N GLU A 68 -16.60 -8.86 8.46
CA GLU A 68 -15.96 -9.58 7.31
C GLU A 68 -14.59 -10.11 7.71
N CYS A 69 -13.80 -9.25 8.40
CA CYS A 69 -12.45 -9.62 8.88
C CYS A 69 -12.44 -10.88 9.85
N SER A 70 -13.27 -10.88 10.88
CA SER A 70 -13.25 -11.98 11.89
C SER A 70 -13.89 -13.27 11.32
N GLN A 71 -14.84 -13.10 10.40
CA GLN A 71 -15.54 -14.22 9.69
C GLN A 71 -14.51 -14.92 8.82
N GLN A 72 -13.77 -14.14 7.99
CA GLN A 72 -12.74 -14.75 7.19
C GLN A 72 -11.59 -15.30 8.01
N ALA A 73 -11.22 -14.63 9.13
CA ALA A 73 -10.09 -15.09 9.99
C ALA A 73 -10.37 -16.47 10.59
N GLN A 74 -11.62 -16.72 10.95
CA GLN A 74 -12.06 -18.03 11.45
C GLN A 74 -12.52 -19.03 10.36
N GLN A 75 -11.88 -18.99 9.18
CA GLN A 75 -12.14 -19.93 8.05
C GLN A 75 -10.91 -20.69 7.57
N ARG A 76 -9.77 -20.01 7.49
CA ARG A 76 -8.50 -20.60 7.05
C ARG A 76 -7.38 -19.74 7.60
N LYS A 77 -6.16 -20.25 7.51
CA LYS A 77 -4.96 -19.48 7.81
C LYS A 77 -4.69 -18.56 6.61
N ASN A 78 -5.06 -17.27 6.71
CA ASN A 78 -4.88 -16.30 5.61
C ASN A 78 -3.57 -15.53 5.78
N ASP A 79 -2.82 -15.31 4.67
CA ASP A 79 -1.70 -14.35 4.68
C ASP A 79 -2.19 -12.91 4.54
N TYR A 80 -3.38 -12.72 3.94
CA TYR A 80 -4.05 -11.42 3.75
C TYR A 80 -5.51 -11.68 3.43
N ILE A 81 -6.37 -10.67 3.62
CA ILE A 81 -7.76 -10.82 3.29
C ILE A 81 -8.25 -9.60 2.49
N ILE A 82 -9.25 -9.86 1.65
CA ILE A 82 -9.94 -8.85 0.85
C ILE A 82 -11.37 -8.66 1.35
N THR A 83 -11.73 -7.42 1.69
CA THR A 83 -13.07 -7.05 2.13
C THR A 83 -13.63 -5.95 1.25
N GLY A 84 -14.88 -5.70 1.45
CA GLY A 84 -15.47 -4.49 1.06
C GLY A 84 -14.78 -3.19 1.57
N GLY A 85 -15.10 -2.04 0.97
CA GLY A 85 -14.62 -0.72 1.35
C GLY A 85 -15.34 -0.01 2.49
N GLY A 86 -16.56 -0.46 2.77
CA GLY A 86 -17.40 0.18 3.77
C GLY A 86 -17.55 1.65 3.46
N PHE A 87 -17.32 2.50 4.45
CA PHE A 87 -17.37 3.95 4.26
C PHE A 87 -16.06 4.63 3.82
N LEU A 88 -15.06 3.84 3.46
CA LEU A 88 -13.91 4.40 2.77
C LEU A 88 -14.22 4.55 1.27
N ARG A 89 -13.46 5.45 0.64
CA ARG A 89 -13.64 5.75 -0.80
C ARG A 89 -12.80 4.79 -1.67
N CYS A 90 -13.19 3.52 -1.69
CA CYS A 90 -12.53 2.50 -2.45
C CYS A 90 -13.53 1.40 -2.79
N LYS A 91 -13.15 0.51 -3.72
CA LYS A 91 -13.93 -0.67 -4.08
C LYS A 91 -13.67 -1.86 -3.16
N ASN A 92 -12.41 -2.01 -2.72
CA ASN A 92 -12.05 -3.05 -1.75
C ASN A 92 -10.93 -2.54 -0.84
N ILE A 93 -10.88 -3.08 0.38
CA ILE A 93 -9.70 -2.98 1.27
C ILE A 93 -8.96 -4.31 1.21
N ILE A 94 -7.62 -4.27 1.03
CA ILE A 94 -6.80 -5.46 1.19
C ILE A 94 -6.03 -5.30 2.51
N HIS A 95 -6.31 -6.21 3.47
CA HIS A 95 -5.71 -6.20 4.82
C HIS A 95 -4.51 -7.13 4.81
N VAL A 96 -3.29 -6.56 4.91
CA VAL A 96 -2.05 -7.32 4.96
C VAL A 96 -1.49 -7.32 6.42
N ILE A 97 -0.64 -8.31 6.69
CA ILE A 97 -0.07 -8.49 8.05
C ILE A 97 1.20 -7.65 8.14
N GLY A 98 1.21 -6.66 9.02
CA GLY A 98 2.34 -5.72 9.13
C GLY A 98 3.70 -6.36 9.38
N GLY A 99 3.72 -7.47 10.13
CA GLY A 99 4.97 -8.20 10.41
C GLY A 99 5.47 -9.13 9.29
N ASN A 100 4.68 -9.38 8.26
CA ASN A 100 5.11 -10.26 7.16
C ASN A 100 6.12 -9.53 6.25
N ASP A 101 6.79 -10.31 5.41
CA ASP A 101 7.69 -9.80 4.40
C ASP A 101 6.94 -8.78 3.53
N VAL A 102 7.40 -7.53 3.52
CA VAL A 102 6.68 -6.45 2.86
C VAL A 102 6.69 -6.62 1.31
N LYS A 103 7.81 -7.10 0.75
CA LYS A 103 7.85 -7.32 -0.71
C LYS A 103 6.78 -8.34 -1.12
N SER A 104 6.66 -9.41 -0.35
N SER A 104 6.65 -9.39 -0.35
CA SER A 104 5.65 -10.46 -0.60
CA SER A 104 5.64 -10.42 -0.62
C SER A 104 4.21 -9.88 -0.52
C SER A 104 4.22 -9.86 -0.53
N SER A 105 3.95 -9.07 0.52
CA SER A 105 2.63 -8.50 0.70
C SER A 105 2.23 -7.56 -0.47
N VAL A 106 3.16 -6.68 -0.89
CA VAL A 106 2.90 -5.78 -2.00
C VAL A 106 2.74 -6.56 -3.33
N SER A 107 3.58 -7.59 -3.57
CA SER A 107 3.38 -8.48 -4.75
C SER A 107 1.95 -9.04 -4.80
N SER A 108 1.45 -9.49 -3.66
CA SER A 108 0.08 -10.05 -3.57
C SER A 108 -0.98 -9.00 -3.86
N VAL A 109 -0.85 -7.78 -3.29
CA VAL A 109 -1.76 -6.68 -3.57
C VAL A 109 -1.81 -6.40 -5.10
N LEU A 110 -0.65 -6.30 -5.76
CA LEU A 110 -0.58 -5.99 -7.20
C LEU A 110 -1.31 -7.08 -8.02
N GLN A 111 -1.05 -8.34 -7.70
CA GLN A 111 -1.66 -9.48 -8.39
C GLN A 111 -3.20 -9.49 -8.25
N GLU A 112 -3.69 -9.21 -7.03
CA GLU A 112 -5.12 -9.13 -6.77
C GLU A 112 -5.79 -7.99 -7.49
N CYS A 113 -5.11 -6.84 -7.60
CA CYS A 113 -5.64 -5.69 -8.33
C CYS A 113 -5.73 -6.00 -9.87
N GLU A 114 -4.70 -6.66 -10.43
CA GLU A 114 -4.81 -7.08 -11.84
C GLU A 114 -5.97 -8.04 -12.08
N LYS A 115 -6.22 -8.97 -11.15
CA LYS A 115 -7.32 -9.93 -11.27
C LYS A 115 -8.67 -9.21 -11.35
N LYS A 116 -8.82 -8.04 -10.69
CA LYS A 116 -10.04 -7.25 -10.71
C LYS A 116 -10.06 -6.14 -11.79
N ASN A 117 -9.02 -6.07 -12.62
CA ASN A 117 -8.86 -5.01 -13.63
C ASN A 117 -8.90 -3.61 -13.01
N TYR A 118 -8.32 -3.48 -11.81
CA TYR A 118 -8.23 -2.18 -11.12
C TYR A 118 -7.00 -1.36 -11.62
N SER A 119 -7.16 -0.04 -11.53
CA SER A 119 -6.14 0.90 -12.03
C SER A 119 -5.34 1.63 -10.94
N SER A 120 -5.92 1.83 -9.73
CA SER A 120 -5.25 2.63 -8.68
C SER A 120 -5.24 1.92 -7.33
N ILE A 121 -4.11 2.12 -6.62
CA ILE A 121 -3.83 1.52 -5.29
C ILE A 121 -3.30 2.64 -4.39
N CYS A 122 -3.73 2.66 -3.12
CA CYS A 122 -3.14 3.53 -2.10
C CYS A 122 -2.78 2.65 -0.89
N LEU A 123 -1.55 2.80 -0.39
CA LEU A 123 -1.08 1.99 0.77
C LEU A 123 -0.34 2.88 1.78
N PRO A 124 -0.28 2.44 3.05
CA PRO A 124 0.58 3.11 4.03
C PRO A 124 2.02 2.55 3.92
N ALA A 125 2.93 3.07 4.77
CA ALA A 125 4.27 2.47 4.94
C ALA A 125 4.12 1.19 5.79
N ILE A 126 3.72 0.11 5.09
CA ILE A 126 3.35 -1.20 5.72
C ILE A 126 4.41 -1.63 6.73
N GLY A 127 3.97 -2.00 7.94
CA GLY A 127 4.86 -2.57 8.98
C GLY A 127 5.60 -1.57 9.86
N THR A 128 5.44 -0.27 9.58
CA THR A 128 6.18 0.77 10.37
C THR A 128 5.48 1.20 11.67
N GLY A 129 4.26 0.72 11.88
CA GLY A 129 3.49 0.96 13.12
C GLY A 129 3.81 -0.07 14.18
N ASN A 130 2.81 -0.81 14.64
CA ASN A 130 3.07 -1.72 15.77
C ASN A 130 4.07 -2.84 15.40
N ALA A 131 4.16 -3.23 14.12
CA ALA A 131 5.14 -4.25 13.74
C ALA A 131 6.62 -3.80 13.88
N LYS A 132 6.85 -2.48 13.90
CA LYS A 132 8.20 -1.90 14.15
C LYS A 132 9.26 -2.41 13.17
N GLN A 133 8.87 -2.58 11.89
CA GLN A 133 9.85 -2.74 10.83
C GLN A 133 10.50 -1.39 10.52
N HIS A 134 11.76 -1.42 10.14
CA HIS A 134 12.51 -0.19 9.88
C HIS A 134 12.07 0.51 8.57
N PRO A 135 11.81 1.83 8.62
CA PRO A 135 11.31 2.56 7.42
C PRO A 135 12.15 2.40 6.14
N ASP A 136 13.48 2.43 6.25
CA ASP A 136 14.33 2.18 5.08
C ASP A 136 14.13 0.82 4.40
N LYS A 137 14.05 -0.23 5.21
CA LYS A 137 13.81 -1.58 4.67
C LYS A 137 12.41 -1.68 4.03
N VAL A 138 11.41 -1.03 4.65
CA VAL A 138 10.02 -1.02 4.13
C VAL A 138 9.98 -0.29 2.77
N ALA A 139 10.63 0.88 2.67
CA ALA A 139 10.66 1.61 1.39
C ALA A 139 11.31 0.77 0.27
N GLU A 140 12.45 0.12 0.60
CA GLU A 140 13.19 -0.69 -0.34
C GLU A 140 12.29 -1.83 -0.88
N ALA A 141 11.55 -2.46 0.04
CA ALA A 141 10.70 -3.62 -0.29
C ALA A 141 9.50 -3.26 -1.15
N ILE A 142 8.84 -2.16 -0.81
CA ILE A 142 7.68 -1.69 -1.58
C ILE A 142 8.10 -1.41 -3.06
N ILE A 143 9.19 -0.66 -3.23
CA ILE A 143 9.60 -0.25 -4.58
C ILE A 143 10.14 -1.50 -5.33
N ASP A 144 10.91 -2.37 -4.65
CA ASP A 144 11.36 -3.65 -5.27
C ASP A 144 10.17 -4.48 -5.81
N ALA A 145 9.08 -4.57 -5.03
CA ALA A 145 7.92 -5.36 -5.48
C ALA A 145 7.36 -4.81 -6.80
N ILE A 146 7.25 -3.49 -6.89
CA ILE A 146 6.70 -2.85 -8.12
C ILE A 146 7.68 -3.09 -9.31
N GLU A 147 8.97 -2.93 -9.06
CA GLU A 147 9.95 -3.19 -10.13
C GLU A 147 9.85 -4.62 -10.68
N ASP A 148 9.72 -5.59 -9.79
N ASP A 148 9.74 -5.60 -9.79
CA ASP A 148 9.64 -6.99 -10.18
CA ASP A 148 9.63 -7.02 -10.19
C ASP A 148 8.34 -7.28 -10.97
C ASP A 148 8.35 -7.26 -11.00
N PHE A 149 7.24 -6.67 -10.56
CA PHE A 149 5.93 -6.85 -11.24
C PHE A 149 6.00 -6.31 -12.67
N VAL A 150 6.61 -5.12 -12.82
CA VAL A 150 6.87 -4.52 -14.14
C VAL A 150 7.81 -5.36 -15.01
N GLN A 151 8.91 -5.83 -14.41
CA GLN A 151 9.91 -6.63 -15.12
C GLN A 151 9.31 -7.92 -15.73
N LYS A 152 8.38 -8.53 -14.98
CA LYS A 152 7.73 -9.78 -15.41
C LYS A 152 6.62 -9.56 -16.46
N GLY A 153 6.34 -8.29 -16.82
CA GLY A 153 5.30 -7.94 -17.78
C GLY A 153 3.89 -8.09 -17.24
N SER A 154 3.73 -8.00 -15.92
CA SER A 154 2.45 -8.26 -15.26
C SER A 154 1.53 -7.02 -15.19
N ALA A 155 2.08 -5.83 -15.33
CA ALA A 155 1.27 -4.60 -15.23
C ALA A 155 0.52 -4.39 -16.52
N GLN A 156 -0.80 -4.42 -16.44
CA GLN A 156 -1.70 -4.23 -17.58
C GLN A 156 -2.80 -3.22 -17.19
N SER A 157 -3.60 -3.55 -16.17
N SER A 157 -3.60 -3.55 -16.17
CA SER A 157 -4.63 -2.65 -15.67
CA SER A 157 -4.62 -2.63 -15.66
C SER A 157 -4.07 -1.63 -14.65
C SER A 157 -4.06 -1.62 -14.65
N VAL A 158 -3.09 -2.03 -13.81
CA VAL A 158 -2.57 -1.13 -12.74
C VAL A 158 -1.73 0.00 -13.36
N LYS A 159 -2.15 1.25 -13.08
CA LYS A 159 -1.46 2.46 -13.60
C LYS A 159 -0.93 3.43 -12.55
N LYS A 160 -1.39 3.32 -11.30
CA LYS A 160 -0.99 4.29 -10.27
C LYS A 160 -0.91 3.58 -8.92
N VAL A 161 0.26 3.74 -8.24
CA VAL A 161 0.48 3.19 -6.89
C VAL A 161 0.98 4.36 -6.03
N LYS A 162 0.21 4.72 -5.00
CA LYS A 162 0.51 5.87 -4.12
C LYS A 162 0.70 5.41 -2.68
N VAL A 163 1.83 5.78 -2.05
CA VAL A 163 2.03 5.54 -0.60
C VAL A 163 1.71 6.84 0.12
N VAL A 164 0.70 6.80 1.00
CA VAL A 164 0.32 7.95 1.88
C VAL A 164 0.82 7.59 3.29
N ILE A 165 1.74 8.41 3.80
CA ILE A 165 2.57 8.08 4.94
C ILE A 165 2.21 8.99 6.13
N PHE A 166 1.99 8.38 7.31
CA PHE A 166 1.50 9.13 8.47
C PHE A 166 2.52 10.20 8.96
N LEU A 167 3.80 9.79 9.05
CA LEU A 167 4.86 10.71 9.53
C LEU A 167 5.68 11.35 8.40
N PRO A 168 5.78 12.70 8.41
CA PRO A 168 6.68 13.31 7.42
C PRO A 168 8.14 12.82 7.41
N GLN A 169 8.68 12.46 8.58
CA GLN A 169 10.04 11.90 8.64
C GLN A 169 10.23 10.58 7.83
N VAL A 170 9.17 9.80 7.74
CA VAL A 170 9.19 8.57 6.93
C VAL A 170 9.08 8.88 5.42
N LEU A 171 8.28 9.87 5.05
N LEU A 171 8.30 9.90 5.06
CA LEU A 171 8.27 10.38 3.67
CA LEU A 171 8.27 10.42 3.66
C LEU A 171 9.71 10.73 3.20
C LEU A 171 9.68 10.81 3.17
N ASP A 172 10.51 11.37 4.05
CA ASP A 172 11.89 11.72 3.67
C ASP A 172 12.74 10.46 3.26
N VAL A 173 12.52 9.35 3.95
CA VAL A 173 13.19 8.09 3.68
C VAL A 173 12.75 7.51 2.30
N PHE A 174 11.45 7.57 2.02
CA PHE A 174 10.93 7.11 0.71
C PHE A 174 11.50 7.98 -0.44
N TYR A 175 11.50 9.29 -0.25
N TYR A 175 11.51 9.30 -0.24
CA TYR A 175 12.05 10.21 -1.27
CA TYR A 175 12.04 10.20 -1.29
C TYR A 175 13.51 9.86 -1.61
C TYR A 175 13.51 9.87 -1.60
N ALA A 176 14.32 9.64 -0.55
CA ALA A 176 15.75 9.28 -0.76
C ALA A 176 15.90 7.95 -1.56
N ASN A 177 15.01 7.00 -1.27
CA ASN A 177 15.06 5.72 -1.98
C ASN A 177 14.70 5.89 -3.48
N MET A 178 13.69 6.71 -3.76
CA MET A 178 13.34 7.07 -5.15
C MET A 178 14.52 7.70 -5.90
N LYS A 179 15.22 8.63 -5.24
CA LYS A 179 16.38 9.34 -5.87
C LYS A 179 17.54 8.35 -6.14
N LYS A 180 17.74 7.36 -5.29
CA LYS A 180 18.76 6.31 -5.50
C LYS A 180 18.50 5.56 -6.83
N ARG A 181 17.21 5.33 -7.12
CA ARG A 181 16.82 4.51 -8.31
C ARG A 181 16.70 5.27 -9.62
N GLU A 182 16.61 6.60 -9.53
CA GLU A 182 16.22 7.45 -10.64
C GLU A 182 17.03 7.26 -11.93
N GLY A 183 16.34 7.21 -13.08
CA GLY A 183 16.95 6.94 -14.38
C GLY A 183 17.54 8.18 -15.04
#